data_6K6L
#
_entry.id   6K6L
#
_cell.length_a   60.940
_cell.length_b   70.640
_cell.length_c   68.380
_cell.angle_alpha   90.00
_cell.angle_beta   102.54
_cell.angle_gamma   90.00
#
_symmetry.space_group_name_H-M   'P 1 21 1'
#
loop_
_entity.id
_entity.type
_entity.pdbx_description
1 polymer 'pseudo deubiquitinase'
2 water water
#
_entity_poly.entity_id   1
_entity_poly.type   'polypeptide(L)'
_entity_poly.pdbx_seq_one_letter_code
;GPGTMDVTFLTKNVQINGTQFKILLQNGQGECALIALANVLLISPAHARYAQEISRLVRGKETVTLNELVQTLADMGVQN
PNGTDVDKQQLLQILPQLYSGLNINPEFNGSFEDGVEMSIFRLYNVGIVHGWIIDGDNDPNSYEHVSKYSYMGAQKVLVQ
SYEIQKNNAQFENSEQIQSDAPYLKSFLARSATQLTEYGLTHLREILVERSYAVLFRNDHFCTLYKNNGELFTLVTDPTY
RNRKDINWQSLKSVNGSQDSYYTGNFIPTSLERTETTATGQNE
;
_entity_poly.pdbx_strand_id   A,B
#
# COMPACT_ATOMS: atom_id res chain seq x y z
N VAL A 7 20.83 -16.34 4.44
CA VAL A 7 19.66 -16.92 5.03
C VAL A 7 18.78 -17.50 4.03
N THR A 8 19.54 -17.95 3.04
CA THR A 8 19.26 -18.92 2.20
C THR A 8 18.45 -18.03 1.36
N PHE A 9 19.13 -17.75 0.26
CA PHE A 9 18.45 -17.41 -0.94
C PHE A 9 18.71 -18.55 -1.91
N LEU A 10 17.66 -19.05 -2.51
CA LEU A 10 17.81 -19.97 -3.62
C LEU A 10 18.47 -19.28 -4.83
N THR A 11 19.12 -20.06 -5.67
CA THR A 11 19.57 -19.60 -6.94
C THR A 11 18.69 -20.14 -8.01
N LYS A 12 18.75 -19.54 -9.19
CA LYS A 12 17.99 -19.97 -10.36
C LYS A 12 18.87 -19.83 -11.60
N ASN A 13 18.85 -20.90 -12.42
CA ASN A 13 19.48 -20.88 -13.69
C ASN A 13 18.52 -20.15 -14.63
N VAL A 14 19.01 -19.12 -15.27
CA VAL A 14 18.30 -18.29 -16.22
C VAL A 14 19.10 -18.11 -17.46
N GLN A 15 18.41 -17.69 -18.53
CA GLN A 15 19.02 -17.36 -19.83
C GLN A 15 18.51 -16.01 -20.21
N ILE A 16 19.38 -14.98 -20.27
CA ILE A 16 18.97 -13.63 -20.66
C ILE A 16 19.66 -13.28 -21.98
N ASN A 17 18.83 -13.08 -23.01
CA ASN A 17 19.32 -12.75 -24.33
C ASN A 17 20.41 -13.77 -24.75
N GLY A 18 20.09 -15.04 -24.53
CA GLY A 18 20.93 -16.15 -24.90
C GLY A 18 22.09 -16.49 -23.99
N THR A 19 22.39 -15.67 -22.97
CA THR A 19 23.53 -15.98 -22.07
C THR A 19 23.02 -16.66 -20.81
N GLN A 20 23.74 -17.67 -20.38
CA GLN A 20 23.35 -18.38 -19.14
C GLN A 20 23.87 -17.64 -17.91
N PHE A 21 23.00 -17.51 -16.91
CA PHE A 21 23.41 -16.99 -15.65
C PHE A 21 22.77 -17.74 -14.51
N LYS A 22 23.26 -17.51 -13.30
CA LYS A 22 22.51 -17.85 -12.13
C LYS A 22 22.23 -16.60 -11.37
N ILE A 23 20.95 -16.43 -11.01
CA ILE A 23 20.51 -15.26 -10.22
C ILE A 23 20.07 -15.76 -8.84
N LEU A 24 19.82 -14.81 -7.94
CA LEU A 24 19.31 -15.07 -6.58
C LEU A 24 17.82 -14.81 -6.49
N LEU A 25 17.12 -15.67 -5.76
CA LEU A 25 15.68 -15.57 -5.60
C LEU A 25 15.35 -15.02 -4.21
N GLN A 26 14.19 -14.43 -4.13
CA GLN A 26 13.56 -14.09 -2.90
C GLN A 26 13.35 -15.27 -2.03
N ASN A 27 13.30 -15.00 -0.72
CA ASN A 27 12.96 -16.04 0.22
C ASN A 27 11.50 -15.78 0.75
N GLY A 28 11.20 -15.99 2.02
CA GLY A 28 9.83 -15.69 2.51
C GLY A 28 9.37 -14.22 2.58
N GLN A 29 10.28 -13.28 2.32
CA GLN A 29 10.19 -11.92 2.93
C GLN A 29 10.13 -10.72 1.96
N GLY A 30 9.87 -10.93 0.66
CA GLY A 30 9.85 -9.84 -0.34
C GLY A 30 11.28 -9.60 -0.87
N GLU A 31 11.45 -9.10 -2.09
CA GLU A 31 12.82 -8.94 -2.62
C GLU A 31 13.55 -7.77 -1.97
N CYS A 32 14.71 -8.00 -1.40
CA CYS A 32 15.42 -6.86 -0.83
C CYS A 32 16.32 -6.12 -1.80
N ALA A 33 16.72 -4.92 -1.42
CA ALA A 33 17.57 -4.12 -2.30
C ALA A 33 18.89 -4.89 -2.47
N LEU A 34 19.33 -5.63 -1.46
CA LEU A 34 20.59 -6.36 -1.56
C LEU A 34 20.57 -7.41 -2.61
N ILE A 35 19.47 -8.14 -2.74
CA ILE A 35 19.33 -9.13 -3.77
C ILE A 35 19.16 -8.49 -5.15
N ALA A 36 18.37 -7.41 -5.26
CA ALA A 36 18.24 -6.75 -6.48
C ALA A 36 19.63 -6.19 -7.00
N LEU A 37 20.39 -5.60 -6.09
CA LEU A 37 21.74 -5.11 -6.38
C LEU A 37 22.60 -6.30 -6.89
N ALA A 38 22.57 -7.39 -6.16
CA ALA A 38 23.33 -8.56 -6.52
C ALA A 38 22.96 -9.11 -7.89
N ASN A 39 21.69 -9.17 -8.19
CA ASN A 39 21.30 -9.66 -9.44
C ASN A 39 21.73 -8.71 -10.64
N VAL A 40 21.65 -7.36 -10.49
CA VAL A 40 22.18 -6.47 -11.50
C VAL A 40 23.68 -6.83 -11.71
N LEU A 41 24.40 -7.02 -10.63
CA LEU A 41 25.86 -7.36 -10.70
C LEU A 41 26.08 -8.67 -11.39
N LEU A 42 25.14 -9.61 -11.22
CA LEU A 42 25.23 -10.93 -11.84
C LEU A 42 24.95 -10.90 -13.32
N ILE A 43 24.04 -10.06 -13.80
CA ILE A 43 23.55 -10.23 -15.19
C ILE A 43 23.93 -9.07 -16.12
N SER A 44 24.21 -7.90 -15.58
CA SER A 44 24.41 -6.72 -16.40
C SER A 44 25.77 -6.75 -17.11
N PRO A 45 25.78 -6.80 -18.46
CA PRO A 45 27.07 -6.77 -19.21
C PRO A 45 28.06 -5.68 -18.77
N ALA A 46 27.56 -4.50 -18.54
CA ALA A 46 28.40 -3.36 -18.10
C ALA A 46 29.15 -3.72 -16.84
N HIS A 47 28.58 -4.60 -16.01
CA HIS A 47 29.27 -5.00 -14.77
C HIS A 47 30.05 -6.27 -14.80
N ALA A 48 30.12 -6.95 -15.93
CA ALA A 48 30.60 -8.30 -15.96
C ALA A 48 32.08 -8.44 -15.59
N ARG A 49 32.90 -7.44 -15.92
CA ARG A 49 34.34 -7.42 -15.52
C ARG A 49 34.54 -7.27 -14.01
N TYR A 50 33.60 -6.63 -13.37
CA TYR A 50 33.63 -6.30 -11.94
C TYR A 50 33.02 -7.46 -11.15
N ALA A 51 32.29 -8.34 -11.81
CA ALA A 51 31.37 -9.27 -11.18
C ALA A 51 31.90 -10.68 -10.96
N GLN A 52 33.18 -10.91 -11.31
CA GLN A 52 33.79 -12.25 -11.17
C GLN A 52 33.52 -12.92 -9.83
N GLU A 53 33.68 -12.19 -8.73
CA GLU A 53 33.64 -12.88 -7.46
C GLU A 53 32.17 -13.31 -7.14
N ILE A 54 31.22 -12.46 -7.50
CA ILE A 54 29.83 -12.78 -7.22
C ILE A 54 29.36 -13.91 -8.11
N SER A 55 29.75 -13.90 -9.38
CA SER A 55 29.44 -15.04 -10.25
C SER A 55 29.98 -16.33 -9.74
N ARG A 56 31.24 -16.26 -9.28
CA ARG A 56 31.87 -17.38 -8.71
C ARG A 56 31.18 -17.90 -7.46
N LEU A 57 30.71 -16.99 -6.62
CA LEU A 57 30.03 -17.42 -5.42
C LEU A 57 28.81 -18.33 -5.74
N VAL A 58 28.01 -17.90 -6.71
CA VAL A 58 26.71 -18.52 -6.94
C VAL A 58 26.82 -19.72 -7.84
N ARG A 59 27.93 -19.85 -8.55
CA ARG A 59 28.00 -20.79 -9.69
C ARG A 59 27.58 -22.26 -9.30
N GLY A 60 28.17 -22.77 -8.24
CA GLY A 60 27.88 -24.14 -7.88
C GLY A 60 27.01 -24.37 -6.68
N LYS A 61 26.22 -23.35 -6.34
CA LYS A 61 25.37 -23.41 -5.20
C LYS A 61 24.01 -23.53 -5.80
N GLU A 62 23.31 -24.60 -5.47
CA GLU A 62 22.04 -24.99 -6.18
C GLU A 62 21.03 -24.75 -5.20
N THR A 63 20.91 -23.45 -5.10
CA THR A 63 20.32 -22.64 -4.10
C THR A 63 21.31 -22.59 -2.96
N VAL A 64 20.88 -21.91 -1.97
CA VAL A 64 21.60 -21.67 -0.82
C VAL A 64 22.82 -20.85 -1.10
N THR A 65 22.52 -19.60 -1.07
CA THR A 65 23.56 -18.63 -0.92
C THR A 65 23.10 -17.92 0.35
N LEU A 66 23.97 -17.85 1.36
CA LEU A 66 23.55 -17.09 2.53
C LEU A 66 23.91 -15.64 2.50
N ASN A 67 23.22 -14.94 3.34
CA ASN A 67 23.26 -13.48 3.43
C ASN A 67 24.69 -13.11 3.78
N GLU A 68 25.27 -13.86 4.69
CA GLU A 68 26.63 -13.58 5.16
C GLU A 68 27.67 -13.78 4.08
N LEU A 69 27.54 -14.79 3.22
CA LEU A 69 28.47 -15.04 2.13
C LEU A 69 28.27 -14.00 1.06
N VAL A 70 27.03 -13.58 0.85
CA VAL A 70 26.77 -12.59 -0.16
C VAL A 70 27.43 -11.26 0.26
N GLN A 71 27.24 -10.93 1.51
CA GLN A 71 27.81 -9.74 2.08
C GLN A 71 29.29 -9.71 1.97
N THR A 72 29.89 -10.82 2.35
CA THR A 72 31.34 -10.90 2.40
C THR A 72 31.90 -10.71 1.00
N LEU A 73 31.24 -11.32 0.05
CA LEU A 73 31.60 -11.14 -1.33
C LEU A 73 31.49 -9.80 -1.93
N ALA A 74 30.34 -9.18 -1.71
CA ALA A 74 30.15 -7.86 -2.14
C ALA A 74 31.17 -6.90 -1.53
N ASP A 75 31.48 -7.13 -0.28
CA ASP A 75 32.49 -6.35 0.40
C ASP A 75 33.85 -6.45 -0.27
N MET A 76 34.26 -7.67 -0.60
CA MET A 76 35.49 -7.89 -1.37
C MET A 76 35.45 -7.10 -2.70
N GLY A 77 34.31 -7.17 -3.41
CA GLY A 77 34.10 -6.51 -4.67
C GLY A 77 34.23 -5.00 -4.50
N VAL A 78 33.64 -4.46 -3.44
CA VAL A 78 33.59 -3.01 -3.23
C VAL A 78 34.98 -2.43 -2.98
N GLN A 79 35.88 -3.17 -2.34
CA GLN A 79 37.33 -2.82 -2.48
C GLN A 79 37.72 -2.97 -3.96
N ASN A 80 37.40 -1.93 -4.73
CA ASN A 80 37.51 -1.83 -6.20
C ASN A 80 36.56 -0.67 -6.63
N PRO A 81 37.10 0.34 -7.38
CA PRO A 81 36.63 1.74 -7.40
C PRO A 81 35.65 2.18 -6.32
N LYS A 88 37.10 1.28 4.78
CA LYS A 88 36.47 0.78 3.58
C LYS A 88 35.94 -0.65 3.77
N GLN A 89 36.25 -1.27 4.89
CA GLN A 89 35.59 -2.52 5.24
C GLN A 89 34.60 -2.35 6.42
N GLN A 90 33.99 -1.17 6.31
CA GLN A 90 32.83 -0.62 6.95
C GLN A 90 31.62 -1.04 5.99
N LEU A 91 31.92 -1.54 4.79
CA LEU A 91 31.04 -2.08 3.83
C LEU A 91 30.43 -3.24 4.52
N LEU A 92 31.21 -3.98 5.31
CA LEU A 92 30.62 -5.10 6.00
C LEU A 92 29.54 -4.71 6.97
N GLN A 93 29.68 -3.55 7.60
CA GLN A 93 28.68 -3.03 8.55
C GLN A 93 27.48 -2.51 7.78
N ILE A 94 27.69 -1.95 6.60
CA ILE A 94 26.66 -1.24 5.88
C ILE A 94 25.85 -2.13 4.94
N LEU A 95 26.50 -3.04 4.21
CA LEU A 95 25.78 -3.84 3.23
C LEU A 95 24.56 -4.53 3.82
N PRO A 96 24.66 -5.06 5.08
CA PRO A 96 23.47 -5.75 5.57
C PRO A 96 22.27 -4.83 5.73
N GLN A 97 22.48 -3.52 5.81
CA GLN A 97 21.36 -2.56 5.79
C GLN A 97 20.50 -2.62 4.52
N LEU A 98 21.10 -3.05 3.41
CA LEU A 98 20.38 -3.35 2.20
C LEU A 98 19.40 -4.51 2.27
N TYR A 99 19.55 -5.44 3.23
CA TYR A 99 18.66 -6.56 3.32
C TYR A 99 17.29 -6.05 3.72
N SER A 100 17.16 -5.31 4.83
CA SER A 100 15.78 -4.82 5.13
C SER A 100 15.42 -3.50 4.42
N GLY A 101 16.40 -2.74 3.92
CA GLY A 101 16.13 -1.50 3.25
C GLY A 101 15.40 -0.44 4.09
N LEU A 102 15.57 -0.47 5.40
CA LEU A 102 14.85 0.48 6.29
C LEU A 102 15.16 1.95 6.06
N ASN A 103 16.36 2.27 5.56
CA ASN A 103 16.73 3.65 5.37
C ASN A 103 16.72 4.13 3.93
N ILE A 104 16.24 3.33 2.98
CA ILE A 104 16.11 3.70 1.59
C ILE A 104 14.74 4.43 1.47
N ASN A 105 14.83 5.73 1.17
CA ASN A 105 13.71 6.65 1.37
C ASN A 105 13.39 7.41 0.09
N PRO A 106 12.45 6.88 -0.67
CA PRO A 106 12.07 7.51 -1.93
C PRO A 106 11.41 8.88 -1.66
N GLU A 107 11.73 9.87 -2.50
CA GLU A 107 11.02 11.20 -2.46
C GLU A 107 9.97 11.19 -3.52
N PHE A 108 8.87 11.91 -3.27
CA PHE A 108 7.75 11.78 -4.13
C PHE A 108 7.94 12.59 -5.42
N ASN A 109 9.12 13.17 -5.60
CA ASN A 109 9.52 13.71 -6.93
C ASN A 109 10.37 12.77 -7.81
N GLY A 110 10.62 11.54 -7.35
CA GLY A 110 11.33 10.54 -8.07
C GLY A 110 12.77 10.25 -7.66
N SER A 111 13.34 11.09 -6.82
CA SER A 111 14.65 10.91 -6.25
C SER A 111 14.53 10.02 -5.04
N PHE A 112 15.66 9.70 -4.46
CA PHE A 112 15.70 9.14 -3.13
C PHE A 112 16.47 10.16 -2.28
N GLU A 113 16.17 10.15 -1.01
CA GLU A 113 16.98 10.92 -0.06
C GLU A 113 18.39 10.34 -0.07
N ASP A 114 19.40 11.18 0.00
CA ASP A 114 20.75 10.71 -0.05
C ASP A 114 21.06 10.05 1.28
N GLY A 115 21.94 9.10 1.24
CA GLY A 115 22.33 8.46 2.46
C GLY A 115 23.27 7.36 2.17
N VAL A 116 23.57 6.56 3.22
CA VAL A 116 24.64 5.59 3.11
C VAL A 116 24.27 4.51 2.05
N GLU A 117 23.00 4.12 2.05
CA GLU A 117 22.59 3.12 1.08
C GLU A 117 22.70 3.59 -0.34
N MET A 118 22.39 4.86 -0.61
CA MET A 118 22.56 5.40 -1.97
C MET A 118 24.05 5.46 -2.33
N SER A 119 24.92 5.70 -1.38
CA SER A 119 26.34 5.73 -1.68
C SER A 119 26.88 4.32 -2.09
N ILE A 120 26.23 3.28 -1.57
CA ILE A 120 26.52 1.86 -1.90
C ILE A 120 26.12 1.62 -3.31
N PHE A 121 24.88 1.99 -3.68
CA PHE A 121 24.53 2.01 -5.14
C PHE A 121 25.56 2.72 -6.05
N ARG A 122 26.04 3.89 -5.64
CA ARG A 122 27.02 4.57 -6.47
C ARG A 122 28.36 3.79 -6.52
N LEU A 123 28.78 3.20 -5.43
CA LEU A 123 30.00 2.40 -5.34
C LEU A 123 30.01 1.30 -6.39
N TYR A 124 28.87 0.67 -6.62
CA TYR A 124 28.79 -0.43 -7.50
C TYR A 124 28.35 0.01 -8.86
N ASN A 125 28.11 1.30 -9.03
CA ASN A 125 27.61 1.89 -10.27
C ASN A 125 26.29 1.22 -10.74
N VAL A 126 25.38 1.06 -9.79
CA VAL A 126 24.06 0.47 -10.07
C VAL A 126 22.99 1.53 -9.80
N GLY A 127 22.25 1.83 -10.84
CA GLY A 127 21.14 2.77 -10.80
C GLY A 127 20.05 2.29 -9.83
N ILE A 128 19.40 3.28 -9.18
CA ILE A 128 18.23 2.99 -8.36
C ILE A 128 17.18 4.03 -8.66
N VAL A 129 15.95 3.58 -8.90
CA VAL A 129 14.88 4.40 -9.39
C VAL A 129 13.57 4.02 -8.72
N HIS A 130 12.57 4.88 -8.87
CA HIS A 130 11.23 4.55 -8.43
C HIS A 130 10.27 5.43 -9.23
N GLY A 131 9.01 5.00 -9.26
CA GLY A 131 7.96 5.70 -9.91
C GLY A 131 6.84 6.17 -9.04
N TRP A 132 7.09 6.32 -7.74
CA TRP A 132 6.05 6.81 -6.82
C TRP A 132 6.10 8.33 -6.83
N ILE A 133 5.56 8.89 -7.91
CA ILE A 133 5.80 10.29 -8.24
C ILE A 133 4.48 11.02 -8.45
N ILE A 134 4.30 12.10 -7.74
CA ILE A 134 3.08 12.89 -7.86
C ILE A 134 3.19 13.80 -9.08
N ASP A 135 2.10 13.88 -9.83
CA ASP A 135 2.05 14.62 -11.09
C ASP A 135 1.53 16.04 -10.82
N GLY A 136 2.47 16.96 -10.86
CA GLY A 136 2.20 18.36 -10.57
C GLY A 136 1.29 19.11 -11.48
N ASP A 137 1.36 18.83 -12.77
CA ASP A 137 0.43 19.53 -13.67
C ASP A 137 -1.01 19.00 -13.57
N ASN A 138 -1.16 17.74 -13.18
CA ASN A 138 -2.48 17.14 -12.91
C ASN A 138 -3.19 17.76 -11.70
N ASP A 139 -2.44 18.05 -10.62
CA ASP A 139 -3.05 18.64 -9.42
C ASP A 139 -2.08 19.57 -8.70
N PRO A 140 -2.04 20.84 -9.11
CA PRO A 140 -1.05 21.71 -8.54
C PRO A 140 -1.19 21.94 -7.05
N ASN A 141 -2.42 22.04 -6.57
CA ASN A 141 -2.63 22.17 -5.09
C ASN A 141 -2.03 21.01 -4.32
N SER A 142 -2.38 19.80 -4.72
CA SER A 142 -1.82 18.66 -4.04
C SER A 142 -0.34 18.60 -4.15
N TYR A 143 0.17 18.89 -5.33
CA TYR A 143 1.61 18.93 -5.52
C TYR A 143 2.34 19.81 -4.56
N GLU A 144 1.77 20.98 -4.27
CA GLU A 144 2.41 21.98 -3.41
C GLU A 144 2.57 21.44 -2.00
N HIS A 145 1.60 20.63 -1.59
CA HIS A 145 1.69 19.90 -0.31
C HIS A 145 2.59 18.67 -0.29
N VAL A 146 2.55 17.83 -1.34
CA VAL A 146 3.10 16.45 -1.29
C VAL A 146 4.49 16.34 -1.87
N SER A 147 4.78 17.12 -2.90
CA SER A 147 5.97 16.86 -3.75
C SER A 147 7.24 16.95 -2.97
N LYS A 148 7.22 17.84 -1.99
CA LYS A 148 8.37 18.07 -1.13
C LYS A 148 8.66 16.94 -0.12
N TYR A 149 7.76 15.96 0.06
CA TYR A 149 7.94 14.93 1.08
C TYR A 149 8.66 13.72 0.55
N SER A 150 9.34 13.05 1.46
CA SER A 150 9.76 11.65 1.25
C SER A 150 8.75 10.72 1.88
N TYR A 151 8.88 9.42 1.60
CA TYR A 151 8.03 8.42 2.20
C TYR A 151 8.13 8.46 3.71
N MET A 152 9.36 8.49 4.22
CA MET A 152 9.55 8.48 5.70
C MET A 152 9.02 9.78 6.26
N GLY A 153 9.20 10.89 5.59
CA GLY A 153 8.68 12.18 6.10
C GLY A 153 7.19 12.18 6.11
N ALA A 154 6.57 11.56 5.12
CA ALA A 154 5.11 11.40 5.09
C ALA A 154 4.59 10.49 6.18
N GLN A 155 5.31 9.42 6.45
CA GLN A 155 4.94 8.51 7.51
C GLN A 155 5.03 9.24 8.82
N LYS A 156 6.08 10.02 9.00
CA LYS A 156 6.21 10.81 10.24
C LYS A 156 5.05 11.77 10.46
N VAL A 157 4.65 12.49 9.40
CA VAL A 157 3.52 13.42 9.45
C VAL A 157 2.23 12.74 9.76
N LEU A 158 2.00 11.57 9.12
CA LEU A 158 0.80 10.81 9.43
C LEU A 158 0.73 10.28 10.88
N VAL A 159 1.85 9.81 11.38
CA VAL A 159 1.95 9.39 12.77
C VAL A 159 1.75 10.58 13.70
N GLN A 160 2.35 11.73 13.37
CA GLN A 160 2.09 12.99 14.14
C GLN A 160 0.59 13.37 14.12
N SER A 161 -0.05 13.29 12.96
CA SER A 161 -1.47 13.60 12.86
C SER A 161 -2.35 12.69 13.71
N TYR A 162 -2.06 11.38 13.74
CA TYR A 162 -2.69 10.45 14.60
C TYR A 162 -2.53 10.83 16.05
N GLU A 163 -1.31 11.22 16.41
CA GLU A 163 -1.09 11.56 17.83
C GLU A 163 -1.79 12.87 18.17
N ILE A 164 -1.86 13.80 17.23
CA ILE A 164 -2.64 15.01 17.42
C ILE A 164 -4.10 14.66 17.66
N GLN A 165 -4.68 13.80 16.87
CA GLN A 165 -6.09 13.44 17.11
C GLN A 165 -6.38 12.60 18.35
N LYS A 166 -5.62 11.54 18.54
CA LYS A 166 -5.82 10.54 19.62
C LYS A 166 -5.43 11.16 20.98
N ASN A 167 -4.27 11.79 21.00
CA ASN A 167 -3.66 12.21 22.25
C ASN A 167 -3.52 13.67 22.43
N ASN A 168 -4.21 14.49 21.62
CA ASN A 168 -4.10 15.95 21.72
C ASN A 168 -2.62 16.39 21.77
N ALA A 169 -1.75 15.67 21.08
CA ALA A 169 -0.32 15.98 21.13
C ALA A 169 0.06 17.31 20.49
N GLN A 170 1.20 17.80 20.93
CA GLN A 170 1.74 19.07 20.55
C GLN A 170 3.02 18.86 19.81
N PHE A 171 3.10 19.43 18.63
CA PHE A 171 4.33 19.43 17.86
C PHE A 171 4.62 20.82 17.38
N GLU A 172 5.87 21.01 17.11
CA GLU A 172 6.35 22.24 16.59
C GLU A 172 5.83 22.55 15.21
N ASN A 173 5.73 21.56 14.34
CA ASN A 173 5.24 21.86 12.99
C ASN A 173 3.73 21.85 12.82
N SER A 174 2.95 21.82 13.89
CA SER A 174 1.54 21.55 13.78
C SER A 174 0.69 22.17 12.73
N GLU A 175 0.89 23.43 12.44
CA GLU A 175 0.12 24.04 11.36
C GLU A 175 0.50 23.34 10.06
N GLN A 176 1.76 23.13 9.85
CA GLN A 176 2.27 22.45 8.64
C GLN A 176 1.80 20.99 8.63
N ILE A 177 1.92 20.31 9.75
CA ILE A 177 1.48 18.90 9.85
C ILE A 177 0.02 18.77 9.43
N GLN A 178 -0.80 19.60 10.01
CA GLN A 178 -2.22 19.48 9.86
C GLN A 178 -2.68 19.96 8.48
N SER A 179 -1.93 20.90 7.93
CA SER A 179 -2.12 21.37 6.54
C SER A 179 -1.80 20.27 5.53
N ASP A 180 -0.66 19.61 5.70
CA ASP A 180 -0.18 18.66 4.68
C ASP A 180 -0.83 17.30 4.83
N ALA A 181 -1.15 16.86 6.06
CA ALA A 181 -1.58 15.47 6.26
C ALA A 181 -2.72 14.95 5.38
N PRO A 182 -3.80 15.73 5.20
CA PRO A 182 -4.90 15.24 4.35
C PRO A 182 -4.50 15.06 2.91
N TYR A 183 -3.57 15.90 2.42
CA TYR A 183 -3.01 15.68 1.07
C TYR A 183 -2.10 14.45 1.00
N LEU A 184 -1.28 14.23 1.99
CA LEU A 184 -0.47 13.04 2.04
C LEU A 184 -1.33 11.75 2.11
N LYS A 185 -2.38 11.77 2.96
CA LYS A 185 -3.30 10.62 3.07
C LYS A 185 -3.93 10.32 1.71
N SER A 186 -4.42 11.37 1.05
CA SER A 186 -5.02 11.31 -0.27
C SER A 186 -4.06 10.72 -1.30
N PHE A 187 -2.86 11.26 -1.31
CA PHE A 187 -1.88 10.77 -2.21
C PHE A 187 -1.66 9.24 -1.97
N LEU A 188 -1.42 8.84 -0.72
CA LEU A 188 -1.25 7.42 -0.40
C LEU A 188 -2.44 6.56 -0.86
N ALA A 189 -3.68 7.05 -0.70
CA ALA A 189 -4.87 6.29 -1.07
C ALA A 189 -4.93 6.16 -2.61
N ARG A 190 -4.42 7.16 -3.34
CA ARG A 190 -4.45 7.15 -4.82
C ARG A 190 -3.24 6.54 -5.48
N SER A 191 -2.25 6.11 -4.68
CA SER A 191 -1.05 5.46 -5.17
C SER A 191 -0.74 4.17 -4.34
N ALA A 192 -1.74 3.32 -4.21
CA ALA A 192 -1.67 2.12 -3.35
C ALA A 192 -0.44 1.27 -3.60
N THR A 193 -0.01 1.09 -4.82
CA THR A 193 1.06 0.21 -5.17
C THR A 193 2.37 0.98 -5.46
N GLN A 194 2.51 2.21 -4.90
CA GLN A 194 3.76 2.95 -4.83
C GLN A 194 4.35 3.13 -6.24
N LEU A 195 3.44 3.43 -7.16
CA LEU A 195 3.77 3.67 -8.54
C LEU A 195 2.57 4.44 -9.04
N THR A 196 2.82 5.49 -9.76
CA THR A 196 1.77 6.26 -10.33
C THR A 196 1.86 6.17 -11.85
N GLU A 197 0.77 6.62 -12.47
CA GLU A 197 0.73 6.70 -13.93
C GLU A 197 1.85 7.57 -14.41
N TYR A 198 2.00 8.77 -13.81
CA TYR A 198 3.08 9.63 -14.18
C TYR A 198 4.46 9.05 -13.91
N GLY A 199 4.60 8.35 -12.77
CA GLY A 199 5.89 7.72 -12.46
C GLY A 199 6.28 6.59 -13.37
N LEU A 200 5.29 5.87 -13.84
CA LEU A 200 5.52 4.83 -14.81
C LEU A 200 6.07 5.41 -16.10
N THR A 201 5.41 6.46 -16.55
CA THR A 201 5.93 7.20 -17.72
C THR A 201 7.36 7.71 -17.50
N HIS A 202 7.62 8.24 -16.32
CA HIS A 202 8.90 8.73 -15.94
C HIS A 202 10.00 7.67 -16.04
N LEU A 203 9.71 6.48 -15.43
CA LEU A 203 10.66 5.32 -15.47
C LEU A 203 10.99 5.00 -16.91
N ARG A 204 9.97 4.99 -17.73
CA ARG A 204 10.15 4.59 -19.12
C ARG A 204 10.94 5.65 -19.89
N GLU A 205 10.77 6.93 -19.54
CA GLU A 205 11.52 8.01 -20.19
C GLU A 205 12.98 8.08 -19.71
N ILE A 206 13.27 7.80 -18.44
CA ILE A 206 14.59 7.92 -17.88
C ILE A 206 15.53 6.74 -18.01
N LEU A 207 15.00 5.53 -18.10
CA LEU A 207 15.87 4.36 -18.12
C LEU A 207 16.41 4.27 -19.54
N VAL A 208 17.71 4.08 -19.67
CA VAL A 208 18.29 4.03 -21.00
C VAL A 208 18.05 2.63 -21.53
N GLU A 209 17.88 2.54 -22.84
CA GLU A 209 17.75 1.26 -23.53
C GLU A 209 18.91 0.31 -23.17
N ARG A 210 18.56 -0.95 -22.90
CA ARG A 210 19.50 -2.02 -22.46
C ARG A 210 20.24 -1.75 -21.13
N SER A 211 19.63 -0.93 -20.28
CA SER A 211 20.22 -0.63 -18.99
C SER A 211 19.38 -1.33 -17.94
N TYR A 212 20.07 -1.62 -16.86
CA TYR A 212 19.49 -2.23 -15.63
C TYR A 212 19.41 -1.20 -14.55
N ALA A 213 18.40 -1.30 -13.69
CA ALA A 213 18.45 -0.52 -12.45
C ALA A 213 17.70 -1.31 -11.42
N VAL A 214 17.87 -0.92 -10.16
CA VAL A 214 17.06 -1.44 -9.08
C VAL A 214 15.87 -0.52 -8.90
N LEU A 215 14.71 -1.12 -8.89
CA LEU A 215 13.44 -0.37 -8.72
C LEU A 215 12.85 -0.57 -7.33
N PHE A 216 12.53 0.54 -6.65
CA PHE A 216 11.77 0.50 -5.45
C PHE A 216 10.28 0.52 -5.80
N ARG A 217 9.53 -0.37 -5.17
CA ARG A 217 8.06 -0.41 -5.27
C ARG A 217 7.52 -1.33 -4.16
N ASN A 218 6.45 -0.91 -3.45
CA ASN A 218 5.82 -1.72 -2.42
C ASN A 218 6.80 -2.19 -1.32
N ASP A 219 7.56 -1.22 -0.82
CA ASP A 219 8.47 -1.50 0.29
C ASP A 219 9.53 -2.55 -0.02
N HIS A 220 9.74 -2.82 -1.30
CA HIS A 220 10.75 -3.81 -1.69
C HIS A 220 11.36 -3.38 -3.00
N PHE A 221 12.21 -4.24 -3.58
CA PHE A 221 13.07 -3.86 -4.69
C PHE A 221 13.00 -4.95 -5.75
N CYS A 222 13.37 -4.62 -6.95
CA CYS A 222 13.48 -5.60 -8.01
C CYS A 222 14.46 -5.07 -9.04
N THR A 223 14.82 -5.89 -10.01
CA THR A 223 15.65 -5.46 -11.11
C THR A 223 14.80 -5.09 -12.26
N LEU A 224 15.03 -3.87 -12.75
CA LEU A 224 14.33 -3.31 -13.87
C LEU A 224 15.25 -3.20 -15.07
N TYR A 225 14.68 -3.49 -16.25
CA TYR A 225 15.44 -3.46 -17.50
C TYR A 225 14.60 -2.87 -18.57
N LYS A 226 15.23 -2.24 -19.56
CA LYS A 226 14.50 -1.76 -20.68
C LYS A 226 14.98 -2.45 -21.98
N ASN A 227 14.03 -3.10 -22.66
CA ASN A 227 14.21 -3.77 -23.94
C ASN A 227 13.26 -3.20 -24.97
N ASN A 228 13.85 -2.74 -26.06
CA ASN A 228 13.09 -2.16 -27.15
C ASN A 228 12.07 -1.13 -26.70
N GLY A 229 12.50 -0.21 -25.80
CA GLY A 229 11.64 0.85 -25.32
C GLY A 229 10.62 0.48 -24.22
N GLU A 230 10.63 -0.79 -23.75
CA GLU A 230 9.58 -1.30 -22.86
C GLU A 230 10.24 -1.76 -21.58
N LEU A 231 9.54 -1.64 -20.47
CA LEU A 231 10.09 -2.00 -19.17
C LEU A 231 9.71 -3.44 -18.76
N PHE A 232 10.67 -4.11 -18.13
CA PHE A 232 10.51 -5.46 -17.59
C PHE A 232 11.17 -5.55 -16.25
N THR A 233 10.58 -6.34 -15.36
CA THR A 233 11.20 -6.67 -14.08
C THR A 233 11.57 -8.13 -13.99
N LEU A 234 12.72 -8.38 -13.42
CA LEU A 234 13.22 -9.75 -13.30
C LEU A 234 12.40 -10.56 -12.27
N VAL A 235 11.98 -11.75 -12.69
CA VAL A 235 11.14 -12.59 -11.86
C VAL A 235 11.99 -13.36 -10.87
N THR A 236 11.92 -12.97 -9.61
CA THR A 236 12.80 -13.64 -8.58
C THR A 236 11.99 -14.52 -7.64
N ASP A 237 10.73 -14.75 -7.97
CA ASP A 237 9.82 -15.57 -7.13
C ASP A 237 10.25 -17.04 -7.13
N PRO A 238 10.51 -17.63 -5.97
CA PRO A 238 10.94 -19.03 -5.95
C PRO A 238 9.88 -20.01 -6.48
N THR A 239 8.62 -19.58 -6.62
CA THR A 239 7.61 -20.44 -7.23
C THR A 239 7.96 -20.75 -8.65
N TYR A 240 8.67 -19.86 -9.32
CA TYR A 240 9.11 -20.07 -10.72
C TYR A 240 10.58 -20.45 -10.90
N ARG A 241 11.19 -21.00 -9.86
CA ARG A 241 12.58 -21.50 -9.97
C ARG A 241 12.81 -22.52 -11.13
N ASN A 242 11.83 -23.39 -11.32
CA ASN A 242 11.81 -24.44 -12.33
C ASN A 242 11.28 -23.95 -13.69
N ARG A 243 11.08 -22.64 -13.82
CA ARG A 243 10.60 -22.07 -15.04
C ARG A 243 11.61 -21.10 -15.66
N LYS A 244 12.51 -21.66 -16.46
CA LYS A 244 13.50 -20.84 -17.22
C LYS A 244 12.79 -19.93 -18.26
N ASP A 245 11.60 -20.35 -18.72
CA ASP A 245 10.76 -19.56 -19.62
C ASP A 245 9.98 -18.41 -18.94
N ILE A 246 9.97 -18.35 -17.62
CA ILE A 246 9.45 -17.22 -16.88
C ILE A 246 10.63 -16.48 -16.31
N ASN A 247 11.09 -15.45 -17.02
CA ASN A 247 12.18 -14.67 -16.52
C ASN A 247 11.90 -13.24 -16.19
N TRP A 248 10.97 -12.62 -16.93
CA TRP A 248 10.69 -11.24 -16.84
C TRP A 248 9.18 -11.08 -16.78
N GLN A 249 8.77 -10.03 -16.13
CA GLN A 249 7.41 -9.54 -16.13
C GLN A 249 7.41 -8.14 -16.74
N SER A 250 6.54 -7.93 -17.73
CA SER A 250 6.40 -6.57 -18.28
C SER A 250 5.77 -5.62 -17.25
N LEU A 251 6.18 -4.35 -17.39
CA LEU A 251 5.71 -3.27 -16.54
C LEU A 251 5.17 -2.19 -17.45
N LYS A 252 3.96 -2.42 -17.92
CA LYS A 252 3.24 -1.54 -18.86
C LYS A 252 2.03 -0.87 -18.22
N SER A 253 1.59 -1.37 -17.07
CA SER A 253 0.38 -0.88 -16.43
C SER A 253 0.62 -0.77 -14.92
N VAL A 254 0.14 0.29 -14.32
CA VAL A 254 0.24 0.38 -12.84
C VAL A 254 -0.45 -0.76 -12.15
N ASN A 255 -1.68 -1.09 -12.59
CA ASN A 255 -2.41 -2.16 -11.91
C ASN A 255 -2.08 -3.58 -12.37
N GLY A 256 -1.27 -3.74 -13.41
CA GLY A 256 -0.77 -5.08 -13.80
C GLY A 256 -1.67 -5.75 -14.80
N SER A 257 -2.74 -5.10 -15.18
CA SER A 257 -3.77 -5.75 -15.98
C SER A 257 -3.30 -5.95 -17.45
N GLN A 258 -2.29 -5.20 -17.87
CA GLN A 258 -1.75 -5.31 -19.21
C GLN A 258 -0.47 -6.14 -19.28
N ASP A 259 0.03 -6.57 -18.12
CA ASP A 259 1.30 -7.24 -18.02
C ASP A 259 1.27 -8.77 -18.03
N SER A 260 2.39 -9.35 -18.41
CA SER A 260 2.52 -10.77 -18.53
C SER A 260 3.94 -11.17 -18.41
N TYR A 261 4.16 -12.46 -18.33
CA TYR A 261 5.51 -12.97 -18.25
C TYR A 261 6.14 -13.12 -19.58
N TYR A 262 7.45 -13.02 -19.59
CA TYR A 262 8.29 -13.12 -20.76
C TYR A 262 9.48 -14.02 -20.48
N THR A 263 9.94 -14.70 -21.54
CA THR A 263 11.20 -15.46 -21.56
C THR A 263 12.35 -14.52 -21.35
N GLY A 264 13.55 -15.08 -21.22
CA GLY A 264 14.73 -14.27 -21.07
C GLY A 264 15.21 -13.48 -22.27
N ASN A 265 14.69 -13.81 -23.46
CA ASN A 265 14.97 -12.99 -24.67
C ASN A 265 13.69 -12.26 -25.12
N PHE A 266 12.81 -12.00 -24.17
CA PHE A 266 11.65 -11.09 -24.34
C PHE A 266 10.61 -11.62 -25.34
N ILE A 267 10.27 -12.89 -25.24
CA ILE A 267 9.12 -13.44 -25.92
C ILE A 267 8.06 -13.73 -24.89
N PRO A 268 6.81 -13.45 -25.21
CA PRO A 268 5.77 -13.81 -24.22
C PRO A 268 5.81 -15.27 -23.81
N THR A 269 5.86 -15.56 -22.54
CA THR A 269 5.84 -16.93 -22.09
C THR A 269 4.60 -17.69 -22.61
N SER A 270 3.44 -17.05 -22.66
CA SER A 270 2.23 -17.72 -23.04
C SER A 270 2.34 -18.28 -24.41
N LEU A 271 3.06 -17.59 -25.26
CA LEU A 271 3.24 -18.07 -26.63
C LEU A 271 4.06 -19.37 -26.81
N VAL B 7 -15.84 20.05 2.89
CA VAL B 7 -17.00 20.88 2.36
C VAL B 7 -17.53 20.19 1.10
N THR B 8 -18.81 19.82 1.10
CA THR B 8 -19.64 19.42 -0.09
C THR B 8 -19.52 17.99 -0.84
N PHE B 9 -20.64 17.26 -0.91
CA PHE B 9 -20.73 15.94 -1.57
C PHE B 9 -21.87 15.84 -2.57
N LEU B 10 -21.56 15.37 -3.77
CA LEU B 10 -22.46 15.00 -4.76
C LEU B 10 -23.20 13.76 -4.32
N THR B 11 -24.48 13.70 -4.68
CA THR B 11 -25.25 12.47 -4.63
C THR B 11 -25.34 11.82 -5.99
N LYS B 12 -25.77 10.57 -5.95
CA LYS B 12 -25.94 9.74 -7.11
C LYS B 12 -27.18 8.83 -6.95
N ASN B 13 -28.00 8.77 -8.00
CA ASN B 13 -29.16 7.90 -8.01
C ASN B 13 -28.72 6.52 -8.39
N VAL B 14 -29.04 5.56 -7.55
CA VAL B 14 -28.63 4.17 -7.76
C VAL B 14 -29.79 3.28 -7.52
N GLN B 15 -29.72 2.05 -8.01
CA GLN B 15 -30.73 1.06 -7.74
C GLN B 15 -30.01 -0.18 -7.26
N ILE B 16 -30.43 -0.72 -6.10
CA ILE B 16 -29.84 -1.92 -5.53
C ILE B 16 -30.93 -2.97 -5.25
N ASN B 17 -30.78 -4.16 -5.82
CA ASN B 17 -31.79 -5.26 -5.74
C ASN B 17 -33.25 -4.78 -5.90
N GLY B 18 -33.47 -3.95 -6.90
CA GLY B 18 -34.79 -3.40 -7.25
C GLY B 18 -35.15 -2.05 -6.65
N THR B 19 -34.48 -1.63 -5.57
CA THR B 19 -34.87 -0.45 -4.81
C THR B 19 -34.02 0.76 -5.15
N GLN B 20 -34.69 1.89 -5.31
CA GLN B 20 -34.02 3.14 -5.64
C GLN B 20 -33.46 3.75 -4.38
N PHE B 21 -32.24 4.27 -4.51
CA PHE B 21 -31.56 5.07 -3.49
C PHE B 21 -30.77 6.25 -4.06
N LYS B 22 -30.42 7.17 -3.15
CA LYS B 22 -29.40 8.16 -3.38
C LYS B 22 -28.25 7.83 -2.39
N ILE B 23 -27.05 7.82 -2.92
CA ILE B 23 -25.83 7.60 -2.13
C ILE B 23 -24.97 8.85 -2.28
N LEU B 24 -24.02 9.00 -1.37
CA LEU B 24 -23.04 10.02 -1.44
C LEU B 24 -21.77 9.58 -2.17
N LEU B 25 -21.24 10.48 -2.99
CA LEU B 25 -20.01 10.27 -3.71
C LEU B 25 -18.83 10.96 -3.07
N GLN B 26 -17.65 10.36 -3.15
CA GLN B 26 -16.46 11.01 -2.65
C GLN B 26 -16.07 12.08 -3.68
N ASN B 27 -15.36 13.08 -3.22
CA ASN B 27 -14.86 13.96 -4.18
C ASN B 27 -13.65 13.17 -4.81
N GLY B 28 -12.57 13.81 -5.22
CA GLY B 28 -11.50 13.06 -5.84
C GLY B 28 -10.48 12.34 -5.00
N GLN B 29 -10.25 12.88 -3.82
CA GLN B 29 -9.19 12.47 -2.91
C GLN B 29 -9.28 11.17 -2.06
N GLY B 30 -10.20 10.25 -2.32
CA GLY B 30 -10.32 9.02 -1.55
C GLY B 30 -11.51 9.06 -0.61
N GLU B 31 -12.27 7.99 -0.53
CA GLU B 31 -13.48 7.97 0.29
C GLU B 31 -13.26 7.96 1.80
N CYS B 32 -13.88 8.89 2.51
CA CYS B 32 -13.72 8.90 3.90
C CYS B 32 -14.62 7.92 4.61
N ALA B 33 -14.28 7.67 5.89
CA ALA B 33 -15.04 6.81 6.69
C ALA B 33 -16.44 7.38 6.90
N LEU B 34 -16.55 8.71 6.97
CA LEU B 34 -17.83 9.40 7.22
C LEU B 34 -18.79 9.09 6.08
N ILE B 35 -18.35 9.24 4.83
CA ILE B 35 -19.13 8.87 3.68
C ILE B 35 -19.48 7.38 3.60
N ALA B 36 -18.54 6.48 3.89
CA ALA B 36 -18.88 5.10 3.89
C ALA B 36 -19.98 4.78 4.96
N LEU B 37 -19.85 5.34 6.15
CA LEU B 37 -20.83 5.17 7.21
C LEU B 37 -22.18 5.72 6.73
N ALA B 38 -22.17 6.92 6.15
CA ALA B 38 -23.44 7.50 5.65
C ALA B 38 -24.11 6.59 4.60
N ASN B 39 -23.34 6.17 3.60
CA ASN B 39 -23.87 5.27 2.60
C ASN B 39 -24.43 3.95 3.18
N VAL B 40 -23.74 3.29 4.14
CA VAL B 40 -24.33 2.13 4.77
C VAL B 40 -25.69 2.50 5.31
N LEU B 41 -25.75 3.57 6.08
CA LEU B 41 -27.00 4.01 6.67
C LEU B 41 -28.08 4.30 5.63
N LEU B 42 -27.68 4.83 4.50
CA LEU B 42 -28.59 5.14 3.38
C LEU B 42 -29.16 3.90 2.68
N ILE B 43 -28.39 2.84 2.60
CA ILE B 43 -28.78 1.70 1.77
C ILE B 43 -29.10 0.38 2.46
N SER B 44 -28.69 0.22 3.70
CA SER B 44 -28.78 -1.05 4.41
C SER B 44 -30.23 -1.24 4.93
N PRO B 45 -30.91 -2.28 4.45
CA PRO B 45 -32.32 -2.44 4.95
C PRO B 45 -32.48 -2.52 6.45
N ALA B 46 -31.58 -3.19 7.11
CA ALA B 46 -31.63 -3.31 8.57
C ALA B 46 -31.54 -1.96 9.28
N HIS B 47 -31.02 -0.92 8.61
CA HIS B 47 -30.88 0.40 9.23
C HIS B 47 -32.00 1.36 8.82
N ALA B 48 -32.86 0.94 7.88
CA ALA B 48 -33.90 1.81 7.32
C ALA B 48 -34.65 2.66 8.35
N ARG B 49 -35.04 2.04 9.47
CA ARG B 49 -35.86 2.73 10.48
C ARG B 49 -35.08 3.85 11.14
N TYR B 50 -33.85 3.54 11.51
CA TYR B 50 -32.97 4.47 12.22
C TYR B 50 -32.45 5.63 11.33
N ALA B 51 -32.44 5.42 10.02
CA ALA B 51 -31.85 6.31 9.05
C ALA B 51 -32.82 7.18 8.28
N GLN B 52 -34.06 7.30 8.77
CA GLN B 52 -34.99 8.15 8.12
C GLN B 52 -34.51 9.56 7.92
N GLU B 53 -33.90 10.15 8.92
CA GLU B 53 -33.51 11.54 8.78
C GLU B 53 -32.39 11.71 7.74
N ILE B 54 -31.48 10.76 7.62
CA ILE B 54 -30.38 10.95 6.66
C ILE B 54 -30.89 10.66 5.26
N SER B 55 -31.85 9.72 5.15
CA SER B 55 -32.53 9.47 3.90
C SER B 55 -33.25 10.70 3.37
N ARG B 56 -33.96 11.39 4.26
CA ARG B 56 -34.67 12.62 3.92
C ARG B 56 -33.69 13.76 3.59
N LEU B 57 -32.57 13.85 4.31
CA LEU B 57 -31.56 14.84 4.03
C LEU B 57 -31.11 14.79 2.57
N VAL B 58 -30.80 13.60 2.06
CA VAL B 58 -30.29 13.46 0.69
C VAL B 58 -31.36 13.41 -0.40
N ARG B 59 -32.58 13.07 -0.01
CA ARG B 59 -33.70 13.01 -0.95
C ARG B 59 -33.92 14.31 -1.71
N GLY B 60 -34.02 15.42 -1.00
CA GLY B 60 -34.24 16.71 -1.63
C GLY B 60 -33.10 17.34 -2.40
N LYS B 61 -32.04 16.58 -2.77
CA LYS B 61 -30.74 17.20 -3.12
C LYS B 61 -30.11 16.57 -4.36
N GLU B 62 -30.43 17.14 -5.53
CA GLU B 62 -29.98 16.69 -6.86
C GLU B 62 -28.53 17.08 -6.85
N THR B 63 -27.93 16.22 -6.05
CA THR B 63 -26.60 16.20 -5.52
C THR B 63 -26.55 17.21 -4.40
N VAL B 64 -25.39 17.32 -3.89
CA VAL B 64 -25.08 18.28 -2.93
C VAL B 64 -25.67 18.30 -1.58
N THR B 65 -24.92 17.66 -0.74
CA THR B 65 -25.14 17.75 0.66
C THR B 65 -23.77 18.20 1.21
N LEU B 66 -23.80 19.07 2.21
CA LEU B 66 -22.57 19.52 2.80
C LEU B 66 -22.16 18.71 4.03
N ASN B 67 -20.88 18.74 4.33
CA ASN B 67 -20.33 18.02 5.50
C ASN B 67 -21.09 18.48 6.74
N GLU B 68 -21.30 19.80 6.90
CA GLU B 68 -21.93 20.30 8.09
C GLU B 68 -23.36 19.78 8.25
N LEU B 69 -24.13 19.75 7.20
CA LEU B 69 -25.48 19.14 7.18
C LEU B 69 -25.42 17.66 7.58
N VAL B 70 -24.44 16.95 7.03
CA VAL B 70 -24.34 15.49 7.22
C VAL B 70 -24.06 15.27 8.68
N GLN B 71 -23.11 16.03 9.24
CA GLN B 71 -22.83 15.92 10.66
C GLN B 71 -23.94 16.30 11.60
N THR B 72 -24.62 17.41 11.35
CA THR B 72 -25.84 17.79 12.15
C THR B 72 -26.82 16.65 12.19
N LEU B 73 -27.12 16.14 11.01
CA LEU B 73 -27.94 14.95 10.84
C LEU B 73 -27.61 13.70 11.58
N ALA B 74 -26.40 13.24 11.34
CA ALA B 74 -25.90 12.11 12.05
C ALA B 74 -25.89 12.39 13.52
N ASP B 75 -25.64 13.64 13.93
CA ASP B 75 -25.61 13.90 15.36
C ASP B 75 -27.03 13.71 16.03
N MET B 76 -28.04 14.24 15.35
CA MET B 76 -29.44 14.05 15.71
C MET B 76 -29.80 12.60 15.81
N GLY B 77 -29.40 11.84 14.78
CA GLY B 77 -29.61 10.39 14.76
C GLY B 77 -28.96 9.73 15.96
N VAL B 78 -27.75 10.18 16.31
CA VAL B 78 -26.99 9.45 17.29
C VAL B 78 -27.43 9.71 18.70
N GLN B 79 -27.99 10.90 18.96
CA GLN B 79 -28.62 11.27 20.25
C GLN B 79 -29.79 10.34 20.47
N ASN B 80 -30.42 9.89 19.38
CA ASN B 80 -31.54 8.94 19.44
C ASN B 80 -31.11 7.51 19.14
N PRO B 81 -29.96 7.03 19.70
CA PRO B 81 -29.40 5.85 19.13
C PRO B 81 -30.11 4.52 19.41
N ASN B 82 -30.75 4.33 20.55
CA ASN B 82 -31.39 2.98 20.76
C ASN B 82 -30.46 1.82 21.21
N GLY B 83 -29.13 2.02 21.24
CA GLY B 83 -28.26 1.23 22.08
C GLY B 83 -28.34 1.76 23.52
N THR B 84 -29.17 2.79 23.74
CA THR B 84 -29.30 3.61 24.94
C THR B 84 -28.00 4.20 25.47
N ASP B 85 -27.16 4.71 24.55
CA ASP B 85 -25.98 5.48 24.96
C ASP B 85 -26.43 6.85 25.27
N VAL B 86 -26.09 7.33 26.46
CA VAL B 86 -26.31 8.69 26.89
C VAL B 86 -25.20 9.55 26.29
N ASP B 87 -25.42 10.03 25.09
CA ASP B 87 -24.48 10.97 24.51
C ASP B 87 -25.27 12.17 24.06
N LYS B 88 -24.81 13.33 24.41
CA LYS B 88 -25.47 14.55 24.04
C LYS B 88 -25.11 14.92 22.63
N GLN B 89 -25.58 16.06 22.12
CA GLN B 89 -25.14 16.52 20.79
C GLN B 89 -23.57 16.83 20.53
N GLN B 90 -22.62 16.34 21.45
CA GLN B 90 -21.14 16.12 21.68
C GLN B 90 -20.54 15.33 20.47
N LEU B 91 -21.40 14.70 19.72
CA LEU B 91 -21.18 14.10 18.47
C LEU B 91 -20.77 15.18 17.48
N LEU B 92 -21.24 16.42 17.63
CA LEU B 92 -20.80 17.48 16.73
C LEU B 92 -19.31 17.72 16.79
N GLN B 93 -18.71 17.53 17.96
CA GLN B 93 -17.26 17.61 18.06
C GLN B 93 -16.55 16.40 17.46
N ILE B 94 -17.17 15.24 17.52
CA ILE B 94 -16.51 14.00 17.18
C ILE B 94 -16.67 13.61 15.71
N LEU B 95 -17.90 13.65 15.22
CA LEU B 95 -18.20 13.18 13.88
C LEU B 95 -17.31 13.74 12.78
N PRO B 96 -16.93 15.04 12.84
CA PRO B 96 -16.00 15.56 11.80
C PRO B 96 -14.67 14.80 11.72
N GLN B 97 -14.25 14.18 12.80
CA GLN B 97 -13.00 13.40 12.78
C GLN B 97 -13.09 12.18 11.86
N LEU B 98 -14.30 11.64 11.67
CA LEU B 98 -14.50 10.56 10.71
C LEU B 98 -14.31 10.95 9.28
N TYR B 99 -14.44 12.25 8.97
CA TYR B 99 -14.15 12.68 7.62
C TYR B 99 -12.62 12.60 7.40
N SER B 100 -11.88 13.03 8.39
CA SER B 100 -10.43 13.02 8.31
C SER B 100 -9.87 11.58 8.27
N GLY B 101 -10.30 10.75 9.20
CA GLY B 101 -9.91 9.36 9.23
C GLY B 101 -8.48 9.12 9.71
N LEU B 102 -7.76 10.17 10.12
CA LEU B 102 -6.34 9.99 10.45
C LEU B 102 -6.13 9.23 11.78
N ASN B 103 -7.24 9.05 12.53
CA ASN B 103 -7.14 8.34 13.83
C ASN B 103 -7.48 6.87 13.68
N ILE B 104 -8.10 6.49 12.56
CA ILE B 104 -8.60 5.17 12.40
C ILE B 104 -7.44 4.19 12.10
N ASN B 105 -7.29 3.18 12.95
CA ASN B 105 -5.97 2.51 13.02
C ASN B 105 -6.11 0.95 13.02
N PRO B 106 -6.02 0.32 11.86
CA PRO B 106 -6.18 -1.13 11.80
C PRO B 106 -5.05 -1.87 12.48
N GLU B 107 -5.40 -2.96 13.15
CA GLU B 107 -4.47 -3.85 13.77
C GLU B 107 -4.28 -5.00 12.84
N PHE B 108 -3.03 -5.51 12.79
CA PHE B 108 -2.72 -6.59 11.89
C PHE B 108 -3.26 -7.96 12.28
N ASN B 109 -3.94 -8.01 13.40
CA ASN B 109 -4.70 -9.20 13.78
C ASN B 109 -6.18 -9.14 13.30
N GLY B 110 -6.58 -8.07 12.63
CA GLY B 110 -7.91 -7.93 12.04
C GLY B 110 -8.86 -7.02 12.83
N SER B 111 -8.48 -6.61 14.02
CA SER B 111 -9.28 -5.58 14.76
C SER B 111 -8.85 -4.20 14.35
N PHE B 112 -9.43 -3.19 15.03
CA PHE B 112 -8.97 -1.80 14.94
C PHE B 112 -8.60 -1.45 16.34
N GLU B 113 -7.68 -0.53 16.47
CA GLU B 113 -7.47 0.07 17.77
C GLU B 113 -8.79 0.73 18.24
N ASP B 114 -9.05 0.57 19.53
CA ASP B 114 -10.19 1.20 20.10
C ASP B 114 -9.88 2.69 20.12
N GLY B 115 -10.84 3.43 19.67
CA GLY B 115 -10.66 4.85 19.46
C GLY B 115 -12.07 5.36 19.34
N VAL B 116 -12.19 6.67 19.33
CA VAL B 116 -13.53 7.26 19.27
C VAL B 116 -14.29 6.85 18.04
N GLU B 117 -13.60 6.74 16.91
CA GLU B 117 -14.29 6.33 15.67
C GLU B 117 -14.92 4.98 15.77
N MET B 118 -14.27 4.03 16.45
CA MET B 118 -14.88 2.70 16.62
C MET B 118 -16.15 2.78 17.43
N SER B 119 -16.13 3.64 18.44
CA SER B 119 -17.32 3.83 19.22
C SER B 119 -18.48 4.50 18.44
N ILE B 120 -18.17 5.29 17.43
CA ILE B 120 -19.13 5.97 16.59
C ILE B 120 -19.76 4.89 15.71
N PHE B 121 -18.94 4.00 15.18
CA PHE B 121 -19.47 2.90 14.36
C PHE B 121 -20.38 2.01 15.20
N ARG B 122 -20.01 1.75 16.47
CA ARG B 122 -20.91 1.05 17.34
C ARG B 122 -22.20 1.78 17.61
N LEU B 123 -22.12 3.09 17.82
CA LEU B 123 -23.32 3.92 18.03
C LEU B 123 -24.34 3.78 16.99
N TYR B 124 -23.92 3.73 15.73
CA TYR B 124 -24.81 3.58 14.59
C TYR B 124 -25.08 2.12 14.19
N ASN B 125 -24.48 1.14 14.89
CA ASN B 125 -24.61 -0.31 14.58
C ASN B 125 -24.17 -0.60 13.16
N VAL B 126 -23.07 0.04 12.75
CA VAL B 126 -22.49 -0.20 11.46
C VAL B 126 -21.13 -0.92 11.67
N GLY B 127 -20.96 -2.01 10.99
CA GLY B 127 -19.78 -2.76 11.18
C GLY B 127 -18.63 -2.11 10.43
N ILE B 128 -17.43 -2.30 10.92
CA ILE B 128 -16.29 -1.71 10.27
C ILE B 128 -15.20 -2.78 10.32
N VAL B 129 -14.66 -3.14 9.17
CA VAL B 129 -13.80 -4.30 9.05
C VAL B 129 -12.58 -4.00 8.21
N HIS B 130 -11.61 -4.88 8.27
CA HIS B 130 -10.46 -4.77 7.32
C HIS B 130 -9.90 -6.19 7.14
N GLY B 131 -9.13 -6.34 6.10
CA GLY B 131 -8.46 -7.58 5.79
C GLY B 131 -6.94 -7.49 5.75
N TRP B 132 -6.33 -6.49 6.40
CA TRP B 132 -4.88 -6.33 6.41
C TRP B 132 -4.33 -7.18 7.56
N ILE B 133 -4.24 -8.48 7.34
CA ILE B 133 -4.13 -9.39 8.46
C ILE B 133 -3.04 -10.39 8.19
N ILE B 134 -2.10 -10.50 9.13
CA ILE B 134 -0.99 -11.51 8.97
C ILE B 134 -1.51 -12.86 9.43
N ASP B 135 -1.30 -13.85 8.57
CA ASP B 135 -1.72 -15.22 8.77
C ASP B 135 -0.66 -15.98 9.59
N GLY B 136 -1.04 -16.47 10.76
CA GLY B 136 -0.11 -17.24 11.58
C GLY B 136 0.27 -18.57 10.94
N ASP B 137 -0.47 -19.05 9.96
CA ASP B 137 0.00 -20.28 9.26
C ASP B 137 1.05 -20.07 8.18
N ASN B 138 1.45 -18.82 7.90
CA ASN B 138 2.65 -18.53 7.11
C ASN B 138 3.90 -18.50 8.04
N ASP B 139 4.83 -17.57 7.89
CA ASP B 139 6.05 -17.66 8.68
C ASP B 139 5.57 -17.35 10.11
N PRO B 140 5.81 -18.29 11.05
CA PRO B 140 5.41 -17.99 12.40
C PRO B 140 6.32 -17.03 13.10
N ASN B 141 7.53 -16.88 12.62
CA ASN B 141 8.46 -15.87 13.15
C ASN B 141 7.92 -14.47 12.81
N SER B 142 7.55 -14.26 11.55
CA SER B 142 6.86 -13.02 11.18
C SER B 142 5.62 -12.77 11.98
N TYR B 143 4.79 -13.78 12.11
CA TYR B 143 3.52 -13.63 12.86
C TYR B 143 3.72 -13.10 14.30
N GLU B 144 4.66 -13.69 15.00
CA GLU B 144 4.87 -13.29 16.37
C GLU B 144 5.36 -11.82 16.44
N HIS B 145 6.18 -11.40 15.46
CA HIS B 145 6.68 -10.02 15.46
C HIS B 145 5.62 -9.01 15.06
N VAL B 146 4.77 -9.35 14.10
CA VAL B 146 3.90 -8.38 13.41
C VAL B 146 2.47 -8.33 13.96
N SER B 147 1.90 -9.48 14.41
CA SER B 147 0.45 -9.56 14.63
C SER B 147 0.02 -8.68 15.80
N LYS B 148 0.95 -8.38 16.64
CA LYS B 148 0.68 -7.48 17.74
C LYS B 148 0.68 -6.01 17.40
N TYR B 149 0.97 -5.61 16.15
CA TYR B 149 1.08 -4.23 15.75
C TYR B 149 -0.18 -3.73 15.07
N SER B 150 -0.38 -2.42 15.18
CA SER B 150 -1.26 -1.66 14.35
C SER B 150 -0.49 -1.00 13.23
N TYR B 151 -1.26 -0.49 12.29
CA TYR B 151 -0.72 0.31 11.19
C TYR B 151 0.07 1.52 11.69
N MET B 152 -0.52 2.31 12.60
CA MET B 152 0.19 3.51 13.13
C MET B 152 1.38 3.08 13.96
N GLY B 153 1.22 1.99 14.75
CA GLY B 153 2.30 1.45 15.54
C GLY B 153 3.47 1.05 14.71
N ALA B 154 3.20 0.36 13.61
CA ALA B 154 4.19 -0.03 12.65
C ALA B 154 4.90 1.17 11.99
N GLN B 155 4.12 2.14 11.52
CA GLN B 155 4.69 3.33 10.88
C GLN B 155 5.61 4.06 11.86
N LYS B 156 5.19 4.10 13.13
CA LYS B 156 6.01 4.70 14.17
C LYS B 156 7.35 3.98 14.27
N VAL B 157 7.32 2.66 14.31
CA VAL B 157 8.57 1.86 14.44
C VAL B 157 9.50 2.07 13.28
N LEU B 158 8.90 2.10 12.10
CA LEU B 158 9.68 2.24 10.91
C LEU B 158 10.37 3.61 10.81
N VAL B 159 9.68 4.68 11.17
CA VAL B 159 10.25 6.04 11.24
C VAL B 159 11.36 6.09 12.29
N GLN B 160 11.08 5.48 13.41
CA GLN B 160 12.06 5.37 14.48
C GLN B 160 13.30 4.63 14.04
N SER B 161 13.14 3.51 13.34
CA SER B 161 14.27 2.74 12.89
C SER B 161 15.15 3.60 11.93
N TYR B 162 14.51 4.33 11.03
CA TYR B 162 15.16 5.21 10.07
C TYR B 162 15.94 6.33 10.78
N GLU B 163 15.34 6.86 11.81
CA GLU B 163 15.97 7.88 12.64
C GLU B 163 17.16 7.36 13.43
N ILE B 164 17.06 6.15 13.96
CA ILE B 164 18.17 5.50 14.65
C ILE B 164 19.37 5.51 13.69
N GLN B 165 19.21 4.94 12.51
CA GLN B 165 20.28 4.90 11.50
C GLN B 165 20.71 6.30 11.14
N LYS B 166 19.76 7.13 10.70
CA LYS B 166 20.10 8.43 10.11
C LYS B 166 20.75 9.31 11.15
N ASN B 167 20.02 9.58 12.22
CA ASN B 167 20.30 10.69 13.15
C ASN B 167 20.74 10.27 14.56
N ASN B 168 20.98 8.99 14.77
CA ASN B 168 20.92 8.36 16.14
C ASN B 168 19.60 8.23 16.93
N ALA B 169 19.64 7.28 17.86
CA ALA B 169 18.52 6.98 18.75
C ALA B 169 18.59 7.80 20.01
N GLN B 170 17.47 8.44 20.30
CA GLN B 170 17.07 8.62 21.69
C GLN B 170 15.80 7.82 21.78
N PHE B 171 15.89 6.48 21.77
CA PHE B 171 14.70 5.66 22.11
C PHE B 171 14.91 4.58 23.19
N GLU B 172 14.09 4.68 24.25
CA GLU B 172 14.02 3.68 25.35
C GLU B 172 13.77 2.23 24.87
N ASN B 173 12.82 2.06 23.96
CA ASN B 173 12.54 0.71 23.41
C ASN B 173 13.26 0.42 22.08
N SER B 174 14.46 0.94 21.92
CA SER B 174 15.28 0.72 20.73
C SER B 174 15.56 -0.72 20.42
N GLU B 175 15.62 -1.60 21.43
CA GLU B 175 15.87 -3.00 21.14
C GLU B 175 14.65 -3.58 20.43
N GLN B 176 13.48 -3.21 20.91
CA GLN B 176 12.24 -3.67 20.35
C GLN B 176 12.04 -3.09 18.91
N ILE B 177 12.32 -1.81 18.74
CA ILE B 177 12.24 -1.15 17.40
C ILE B 177 13.11 -1.92 16.42
N GLN B 178 14.36 -2.19 16.81
CA GLN B 178 15.30 -2.82 15.87
C GLN B 178 15.02 -4.30 15.62
N SER B 179 14.42 -4.95 16.63
CA SER B 179 13.94 -6.32 16.52
C SER B 179 12.76 -6.41 15.55
N ASP B 180 11.80 -5.49 15.64
CA ASP B 180 10.54 -5.72 14.96
C ASP B 180 10.52 -5.05 13.57
N ALA B 181 11.32 -3.98 13.39
CA ALA B 181 11.27 -3.19 12.13
C ALA B 181 11.45 -4.07 10.88
N PRO B 182 12.40 -5.05 10.90
CA PRO B 182 12.54 -5.81 9.65
C PRO B 182 11.35 -6.63 9.30
N TYR B 183 10.66 -7.19 10.32
CA TYR B 183 9.50 -8.03 10.07
C TYR B 183 8.30 -7.16 9.59
N LEU B 184 8.17 -5.98 10.18
CA LEU B 184 7.13 -5.00 9.78
C LEU B 184 7.33 -4.56 8.32
N LYS B 185 8.56 -4.26 7.94
CA LYS B 185 8.89 -3.82 6.57
C LYS B 185 8.54 -4.94 5.59
N SER B 186 8.93 -6.14 5.91
CA SER B 186 8.66 -7.28 5.06
C SER B 186 7.14 -7.50 4.93
N PHE B 187 6.40 -7.43 6.03
CA PHE B 187 4.94 -7.55 5.95
C PHE B 187 4.29 -6.48 5.02
N LEU B 188 4.70 -5.22 5.16
CA LEU B 188 4.25 -4.16 4.28
C LEU B 188 4.53 -4.52 2.84
N ALA B 189 5.68 -5.16 2.58
CA ALA B 189 6.04 -5.49 1.20
C ALA B 189 5.20 -6.60 0.64
N ARG B 190 4.64 -7.43 1.49
CA ARG B 190 3.85 -8.60 1.06
C ARG B 190 2.39 -8.31 1.11
N SER B 191 2.01 -7.08 1.49
CA SER B 191 0.62 -6.73 1.64
C SER B 191 0.35 -5.40 1.07
N ALA B 192 0.78 -5.25 -0.20
CA ALA B 192 0.88 -3.90 -0.81
C ALA B 192 -0.46 -3.18 -0.83
N THR B 193 -1.53 -3.86 -1.07
CA THR B 193 -2.86 -3.23 -1.14
C THR B 193 -3.67 -3.43 0.15
N GLN B 194 -2.97 -3.65 1.25
CA GLN B 194 -3.54 -3.52 2.62
C GLN B 194 -4.72 -4.47 2.75
N LEU B 195 -4.50 -5.66 2.19
CA LEU B 195 -5.48 -6.79 2.17
C LEU B 195 -4.63 -8.00 1.90
N THR B 196 -4.69 -9.00 2.73
CA THR B 196 -3.94 -10.25 2.48
C THR B 196 -4.92 -11.34 2.00
N GLU B 197 -4.38 -12.39 1.41
CA GLU B 197 -5.25 -13.56 1.09
C GLU B 197 -6.04 -14.05 2.26
N TYR B 198 -5.36 -14.17 3.37
CA TYR B 198 -5.98 -14.62 4.59
C TYR B 198 -7.07 -13.58 5.02
N GLY B 199 -6.71 -12.31 4.96
CA GLY B 199 -7.65 -11.24 5.27
C GLY B 199 -8.92 -11.25 4.42
N LEU B 200 -8.75 -11.55 3.14
CA LEU B 200 -9.90 -11.65 2.24
C LEU B 200 -10.87 -12.79 2.61
N THR B 201 -10.29 -13.94 2.94
CA THR B 201 -11.02 -15.08 3.39
C THR B 201 -11.71 -14.71 4.73
N HIS B 202 -11.04 -13.96 5.62
CA HIS B 202 -11.62 -13.40 6.87
C HIS B 202 -12.84 -12.49 6.63
N LEU B 203 -12.76 -11.57 5.64
CA LEU B 203 -13.87 -10.67 5.34
C LEU B 203 -15.07 -11.51 4.90
N ARG B 204 -14.77 -12.52 4.08
CA ARG B 204 -15.80 -13.33 3.40
C ARG B 204 -16.52 -14.11 4.52
N GLU B 205 -15.78 -14.52 5.56
CA GLU B 205 -16.33 -15.27 6.68
C GLU B 205 -17.10 -14.44 7.63
N ILE B 206 -16.55 -13.29 8.00
CA ILE B 206 -17.10 -12.47 9.08
C ILE B 206 -18.33 -11.63 8.66
N LEU B 207 -18.47 -11.28 7.38
CA LEU B 207 -19.57 -10.49 6.94
C LEU B 207 -20.73 -11.46 6.75
N VAL B 208 -21.85 -11.19 7.37
CA VAL B 208 -23.02 -12.04 7.19
C VAL B 208 -23.58 -11.85 5.81
N GLU B 209 -24.12 -12.92 5.22
CA GLU B 209 -24.83 -12.76 3.97
C GLU B 209 -25.89 -11.60 3.97
N ARG B 210 -25.93 -10.82 2.89
CA ARG B 210 -26.82 -9.68 2.67
C ARG B 210 -26.61 -8.58 3.69
N SER B 211 -25.41 -8.51 4.24
CA SER B 211 -25.09 -7.44 5.23
C SER B 211 -24.06 -6.49 4.64
N TYR B 212 -23.99 -5.27 5.21
CA TYR B 212 -23.17 -4.18 4.75
C TYR B 212 -22.18 -3.87 5.88
N ALA B 213 -20.98 -3.44 5.51
CA ALA B 213 -20.04 -2.92 6.48
C ALA B 213 -19.12 -1.87 5.80
N VAL B 214 -18.42 -1.12 6.61
CA VAL B 214 -17.45 -0.23 6.08
C VAL B 214 -16.12 -1.01 6.07
N LEU B 215 -15.41 -0.94 4.96
CA LEU B 215 -14.10 -1.58 4.82
C LEU B 215 -12.99 -0.52 4.76
N PHE B 216 -11.95 -0.71 5.57
CA PHE B 216 -10.71 0.02 5.39
C PHE B 216 -9.79 -0.75 4.44
N ARG B 217 -9.27 -0.03 3.43
CA ARG B 217 -8.34 -0.57 2.53
C ARG B 217 -7.67 0.56 1.72
N ASN B 218 -6.36 0.52 1.63
CA ASN B 218 -5.58 1.52 0.87
C ASN B 218 -5.73 2.94 1.40
N ASP B 219 -5.69 3.08 2.69
CA ASP B 219 -5.72 4.41 3.29
C ASP B 219 -7.02 5.15 2.95
N HIS B 220 -8.09 4.38 2.77
CA HIS B 220 -9.39 5.01 2.63
C HIS B 220 -10.47 3.95 2.96
N PHE B 221 -11.74 4.35 2.85
CA PHE B 221 -12.88 3.51 3.23
C PHE B 221 -13.82 3.26 2.07
N CYS B 222 -14.67 2.24 2.20
CA CYS B 222 -15.72 1.98 1.24
C CYS B 222 -16.81 1.17 1.91
N THR B 223 -17.97 1.09 1.24
CA THR B 223 -19.07 0.29 1.72
C THR B 223 -18.93 -1.05 1.07
N LEU B 224 -18.85 -2.08 1.88
CA LEU B 224 -18.72 -3.47 1.48
C LEU B 224 -20.05 -4.20 1.73
N TYR B 225 -20.32 -5.17 0.88
CA TYR B 225 -21.61 -5.88 0.90
C TYR B 225 -21.32 -7.32 0.48
N LYS B 226 -21.99 -8.30 1.11
CA LYS B 226 -21.83 -9.72 0.78
C LYS B 226 -23.13 -10.20 0.12
N ASN B 227 -22.99 -10.60 -1.15
CA ASN B 227 -24.10 -11.11 -2.01
C ASN B 227 -23.71 -12.50 -2.55
N ASN B 228 -24.50 -13.55 -2.25
CA ASN B 228 -24.20 -14.93 -2.72
C ASN B 228 -22.80 -15.39 -2.28
N GLY B 229 -22.43 -15.02 -1.06
CA GLY B 229 -21.09 -15.34 -0.54
C GLY B 229 -19.91 -14.61 -1.19
N GLU B 230 -20.16 -13.70 -2.13
CA GLU B 230 -19.11 -12.88 -2.79
C GLU B 230 -19.16 -11.43 -2.29
N LEU B 231 -18.01 -10.80 -2.26
CA LEU B 231 -17.88 -9.43 -1.71
C LEU B 231 -17.95 -8.44 -2.84
N PHE B 232 -18.57 -7.29 -2.58
CA PHE B 232 -18.65 -6.16 -3.52
C PHE B 232 -18.45 -4.84 -2.75
N THR B 233 -17.82 -3.87 -3.37
CA THR B 233 -17.69 -2.51 -2.82
C THR B 233 -18.46 -1.54 -3.65
N LEU B 234 -19.12 -0.62 -2.95
CA LEU B 234 -19.96 0.41 -3.58
C LEU B 234 -19.08 1.41 -4.38
N VAL B 235 -19.42 1.70 -5.62
CA VAL B 235 -18.62 2.67 -6.44
C VAL B 235 -19.05 4.09 -6.17
N THR B 236 -18.21 4.84 -5.45
CA THR B 236 -18.50 6.19 -5.03
C THR B 236 -17.66 7.23 -5.79
N ASP B 237 -16.97 6.76 -6.83
CA ASP B 237 -16.04 7.54 -7.62
C ASP B 237 -16.90 8.45 -8.50
N PRO B 238 -16.74 9.78 -8.34
CA PRO B 238 -17.59 10.74 -9.04
C PRO B 238 -17.48 10.62 -10.59
N THR B 239 -16.38 10.02 -11.09
CA THR B 239 -16.18 9.60 -12.48
C THR B 239 -17.36 8.86 -13.03
N TYR B 240 -17.99 8.04 -12.19
CA TYR B 240 -19.12 7.26 -12.63
C TYR B 240 -20.44 7.82 -12.17
N ARG B 241 -20.50 9.10 -11.77
CA ARG B 241 -21.71 9.69 -11.22
C ARG B 241 -22.89 9.50 -12.19
N ASN B 242 -22.60 9.54 -13.49
CA ASN B 242 -23.62 9.45 -14.55
C ASN B 242 -23.86 8.05 -15.06
N ARG B 243 -23.13 7.08 -14.51
CA ARG B 243 -23.29 5.67 -14.88
C ARG B 243 -24.06 4.89 -13.81
N LYS B 244 -25.39 4.78 -13.96
CA LYS B 244 -26.22 4.06 -13.00
C LYS B 244 -25.97 2.56 -13.01
N ASP B 245 -25.56 2.06 -14.17
CA ASP B 245 -25.20 0.66 -14.34
C ASP B 245 -23.82 0.29 -13.75
N ILE B 246 -23.04 1.28 -13.30
CA ILE B 246 -21.78 1.01 -12.59
C ILE B 246 -22.13 1.32 -11.15
N ASN B 247 -22.32 0.30 -10.35
CA ASN B 247 -22.65 0.50 -8.94
C ASN B 247 -21.72 -0.22 -7.97
N TRP B 248 -21.19 -1.37 -8.36
CA TRP B 248 -20.44 -2.20 -7.48
C TRP B 248 -19.21 -2.61 -8.20
N GLN B 249 -18.16 -2.81 -7.44
CA GLN B 249 -16.95 -3.48 -7.88
C GLN B 249 -16.82 -4.77 -7.09
N SER B 250 -16.71 -5.90 -7.76
CA SER B 250 -16.47 -7.11 -7.02
C SER B 250 -15.09 -7.12 -6.32
N LEU B 251 -15.04 -7.85 -5.22
CA LEU B 251 -13.82 -8.04 -4.42
C LEU B 251 -13.52 -9.53 -4.25
N LYS B 252 -13.08 -10.13 -5.36
CA LYS B 252 -12.86 -11.59 -5.42
C LYS B 252 -11.40 -11.97 -5.30
N SER B 253 -10.50 -11.04 -5.55
CA SER B 253 -9.09 -11.34 -5.47
C SER B 253 -8.34 -10.11 -4.89
N VAL B 254 -7.26 -10.38 -4.18
CA VAL B 254 -6.37 -9.32 -3.67
C VAL B 254 -5.88 -8.41 -4.81
N ASN B 255 -5.45 -9.00 -5.93
CA ASN B 255 -4.76 -8.22 -6.97
C ASN B 255 -5.76 -7.66 -7.95
N GLY B 256 -7.04 -7.99 -7.80
CA GLY B 256 -8.11 -7.39 -8.62
C GLY B 256 -8.21 -8.03 -9.98
N SER B 257 -7.40 -9.04 -10.27
CA SER B 257 -7.41 -9.67 -11.61
C SER B 257 -8.70 -10.43 -11.92
N GLN B 258 -9.45 -10.84 -10.91
CA GLN B 258 -10.70 -11.60 -11.12
C GLN B 258 -11.94 -10.72 -11.00
N ASP B 259 -11.75 -9.39 -11.01
CA ASP B 259 -12.76 -8.41 -10.59
C ASP B 259 -13.14 -7.41 -11.63
N SER B 260 -14.32 -6.82 -11.45
CA SER B 260 -14.94 -6.05 -12.49
C SER B 260 -16.12 -5.30 -11.90
N TYR B 261 -16.71 -4.40 -12.68
CA TYR B 261 -17.87 -3.64 -12.25
C TYR B 261 -19.18 -4.40 -12.50
N TYR B 262 -20.15 -4.13 -11.64
CA TYR B 262 -21.44 -4.79 -11.68
C TYR B 262 -22.48 -3.73 -11.52
N THR B 263 -23.67 -4.04 -12.08
CA THR B 263 -24.83 -3.22 -11.82
C THR B 263 -25.34 -3.40 -10.39
N GLY B 264 -26.30 -2.54 -10.06
CA GLY B 264 -27.13 -2.64 -8.88
C GLY B 264 -27.72 -4.00 -8.56
N ASN B 265 -28.04 -4.80 -9.58
CA ASN B 265 -28.53 -6.17 -9.38
C ASN B 265 -27.44 -7.26 -9.52
N PHE B 266 -26.15 -6.90 -9.40
CA PHE B 266 -25.06 -7.85 -9.32
C PHE B 266 -24.93 -8.70 -10.57
N ILE B 267 -25.18 -8.04 -11.68
CA ILE B 267 -24.87 -8.50 -13.02
C ILE B 267 -23.68 -7.71 -13.49
N PRO B 268 -22.67 -8.37 -14.11
CA PRO B 268 -21.53 -7.67 -14.70
C PRO B 268 -21.97 -6.54 -15.62
N THR B 269 -21.25 -5.41 -15.59
CA THR B 269 -21.54 -4.26 -16.43
C THR B 269 -20.92 -4.50 -17.80
#